data_5F3K
#
_entry.id   5F3K
#
_cell.length_a   65.250
_cell.length_b   65.250
_cell.length_c   233.372
_cell.angle_alpha   90.00
_cell.angle_beta   90.00
_cell.angle_gamma   120.00
#
_symmetry.space_group_name_H-M   'P 32 2 1'
#
loop_
_entity.id
_entity.type
_entity.pdbx_description
1 polymer 'Heat shock protein 75 kDa, mitochondrial'
2 water water
#
_entity_poly.entity_id   1
_entity_poly.type   'polypeptide(L)'
_entity_poly.pdbx_seq_one_letter_code
;AGHSTQTAEDKEEPLHSIISSTESVQGSTSKHEFQAETKKLLDIVARSLYSEKEVFIRELISNASDALEKLRHKLVSDGQ
ALPEMEIHLQTNAEKGTITIQDTGIGMTQEELVSNLGTIARSGSKAFLDALQNQAEASSKIIGQFGVGFYSAFMVADRVE
VYSRSAAPGSLGYQWLSDGSGVFEIAEASGVRTGTKIIIHLKSDCKEFSSEARVRDVVTKYSNFVSFPLYLNGRRMNT
;
_entity_poly.pdbx_strand_id   A,B
#
# COMPACT_ATOMS: atom_id res chain seq x y z
N GLN A 26 16.30 22.02 18.12
CA GLN A 26 14.88 22.40 17.86
C GLN A 26 14.06 21.16 17.54
N GLY A 27 12.83 21.09 18.04
CA GLY A 27 11.92 20.00 17.71
C GLY A 27 11.05 20.30 16.49
N SER A 28 10.80 19.30 15.65
CA SER A 28 9.85 19.45 14.55
C SER A 28 8.53 18.84 15.01
N THR A 29 7.46 19.13 14.29
CA THR A 29 6.17 18.49 14.58
C THR A 29 6.10 17.14 13.89
N SER A 30 5.34 16.23 14.47
CA SER A 30 5.09 14.93 13.85
C SER A 30 4.37 15.09 12.51
N LYS A 31 3.43 16.03 12.45
CA LYS A 31 2.69 16.26 11.23
C LYS A 31 3.63 16.59 10.07
N HIS A 32 4.52 17.55 10.29
CA HIS A 32 5.51 17.91 9.29
C HIS A 32 6.40 16.74 8.91
N GLU A 33 6.79 15.93 9.90
CA GLU A 33 7.66 14.79 9.60
C GLU A 33 6.97 13.77 8.73
N PHE A 34 5.68 13.49 8.98
CA PHE A 34 4.99 12.51 8.15
C PHE A 34 4.93 12.98 6.70
N GLN A 35 4.68 14.27 6.50
CA GLN A 35 4.72 14.85 5.16
C GLN A 35 6.08 14.66 4.50
N ALA A 36 7.15 14.94 5.24
CA ALA A 36 8.49 14.87 4.66
C ALA A 36 8.87 13.42 4.32
N GLU A 37 8.58 12.49 5.23
CA GLU A 37 8.91 11.09 4.97
C GLU A 37 8.16 10.52 3.76
N THR A 38 6.88 10.85 3.60
CA THR A 38 6.15 10.30 2.45
C THR A 38 6.63 10.91 1.14
N LYS A 39 7.00 12.18 1.19
CA LYS A 39 7.56 12.83 0.00
C LYS A 39 8.87 12.22 -0.47
N LYS A 40 9.64 11.68 0.47
CA LYS A 40 10.87 11.01 0.11
C LYS A 40 10.65 9.84 -0.85
N LEU A 41 9.42 9.30 -0.85
CA LEU A 41 9.10 8.13 -1.69
C LEU A 41 8.78 8.49 -3.14
N LEU A 42 8.55 9.77 -3.40
CA LEU A 42 8.00 10.19 -4.70
C LEU A 42 8.73 9.55 -5.87
N ASP A 43 10.06 9.70 -5.91
CA ASP A 43 10.81 9.32 -7.08
C ASP A 43 10.83 7.80 -7.24
N ILE A 44 11.03 7.09 -6.14
CA ILE A 44 11.02 5.63 -6.14
C ILE A 44 9.69 5.06 -6.65
N VAL A 45 8.61 5.55 -6.08
CA VAL A 45 7.30 5.03 -6.42
C VAL A 45 6.90 5.43 -7.84
N ALA A 46 7.09 6.70 -8.19
CA ALA A 46 6.61 7.17 -9.49
C ALA A 46 7.40 6.55 -10.64
N ARG A 47 8.70 6.39 -10.46
CA ARG A 47 9.54 5.78 -11.50
C ARG A 47 9.14 4.32 -11.67
N SER A 48 8.90 3.64 -10.56
CA SER A 48 8.55 2.23 -10.60
C SER A 48 7.26 2.02 -11.38
N LEU A 49 6.23 2.79 -11.01
CA LEU A 49 4.93 2.66 -11.66
C LEU A 49 4.97 3.08 -13.13
N TYR A 50 5.72 4.14 -13.43
CA TYR A 50 5.87 4.57 -14.82
C TYR A 50 6.52 3.50 -15.68
N SER A 51 7.50 2.81 -15.11
CA SER A 51 8.22 1.77 -15.85
C SER A 51 7.35 0.52 -16.07
N GLU A 52 6.27 0.42 -15.33
CA GLU A 52 5.38 -0.75 -15.40
C GLU A 52 4.08 -0.47 -16.15
N LYS A 53 4.00 0.72 -16.78
CA LYS A 53 2.70 1.24 -17.22
C LYS A 53 2.04 0.37 -18.32
N GLU A 54 2.79 -0.57 -18.90
CA GLU A 54 2.20 -1.56 -19.83
C GLU A 54 1.15 -2.45 -19.18
N VAL A 55 1.02 -2.38 -17.87
CA VAL A 55 -0.02 -3.10 -17.13
C VAL A 55 -1.45 -2.84 -17.62
N PHE A 56 -1.69 -1.67 -18.24
CA PHE A 56 -3.03 -1.41 -18.77
C PHE A 56 -3.46 -2.46 -19.79
N ILE A 57 -2.51 -3.04 -20.50
CA ILE A 57 -2.83 -4.11 -21.45
C ILE A 57 -3.31 -5.40 -20.77
N ARG A 58 -2.65 -5.77 -19.69
CA ARG A 58 -3.11 -6.92 -18.90
C ARG A 58 -4.46 -6.68 -18.26
N GLU A 59 -4.66 -5.47 -17.74
CA GLU A 59 -5.89 -5.17 -17.04
C GLU A 59 -7.08 -5.28 -17.98
N LEU A 60 -6.95 -4.67 -19.15
CA LEU A 60 -8.06 -4.67 -20.10
C LEU A 60 -8.29 -6.01 -20.78
N ILE A 61 -7.24 -6.80 -20.92
CA ILE A 61 -7.40 -8.17 -21.43
C ILE A 61 -8.13 -9.04 -20.38
N SER A 62 -7.75 -8.87 -19.13
CA SER A 62 -8.41 -9.58 -18.02
C SER A 62 -9.89 -9.20 -17.92
N ASN A 63 -10.18 -7.92 -18.06
CA ASN A 63 -11.56 -7.48 -18.06
C ASN A 63 -12.37 -8.06 -19.22
N ALA A 64 -11.76 -8.11 -20.40
CA ALA A 64 -12.42 -8.67 -21.58
C ALA A 64 -12.78 -10.13 -21.35
N SER A 65 -11.81 -10.89 -20.85
CA SER A 65 -12.02 -12.31 -20.60
C SER A 65 -13.12 -12.58 -19.56
N ASP A 66 -13.17 -11.75 -18.53
CA ASP A 66 -14.20 -11.86 -17.51
C ASP A 66 -15.59 -11.57 -18.09
N ALA A 67 -15.66 -10.59 -18.99
CA ALA A 67 -16.92 -10.24 -19.64
C ALA A 67 -17.39 -11.38 -20.56
N LEU A 68 -16.45 -12.01 -21.26
CA LEU A 68 -16.77 -13.16 -22.09
C LEU A 68 -17.30 -14.32 -21.26
N GLU A 69 -16.67 -14.55 -20.10
CA GLU A 69 -17.10 -15.64 -19.24
C GLU A 69 -18.45 -15.36 -18.58
N LYS A 70 -18.74 -14.10 -18.29
CA LYS A 70 -20.06 -13.78 -17.76
C LYS A 70 -21.17 -14.11 -18.77
N LEU A 71 -20.93 -13.78 -20.03
CA LEU A 71 -21.88 -14.15 -21.08
C LEU A 71 -21.93 -15.66 -21.29
N ARG A 72 -20.76 -16.29 -21.37
CA ARG A 72 -20.75 -17.73 -21.61
C ARG A 72 -21.57 -18.46 -20.54
N HIS A 73 -21.30 -18.11 -19.29
CA HIS A 73 -22.03 -18.69 -18.16
C HIS A 73 -23.55 -18.53 -18.32
N LYS A 74 -23.98 -17.31 -18.65
CA LYS A 74 -25.41 -17.04 -18.81
C LYS A 74 -26.04 -17.90 -19.91
N LEU A 75 -25.37 -17.96 -21.06
CA LEU A 75 -25.88 -18.71 -22.19
C LEU A 75 -25.92 -20.21 -21.89
N VAL A 76 -24.79 -20.76 -21.44
CA VAL A 76 -24.72 -22.17 -21.09
C VAL A 76 -25.82 -22.54 -20.10
N SER A 77 -26.04 -21.67 -19.11
CA SER A 77 -27.02 -21.92 -18.07
C SER A 77 -28.47 -21.82 -18.57
N ASP A 78 -28.65 -21.14 -19.69
CA ASP A 78 -29.97 -21.07 -20.35
C ASP A 78 -30.11 -21.99 -21.56
N GLY A 79 -29.08 -22.77 -21.85
CA GLY A 79 -29.15 -23.75 -22.93
C GLY A 79 -29.05 -23.13 -24.31
N GLN A 80 -28.38 -22.00 -24.40
CA GLN A 80 -28.29 -21.26 -25.66
C GLN A 80 -26.94 -21.51 -26.34
N ALA A 81 -26.97 -21.66 -27.66
CA ALA A 81 -25.76 -21.77 -28.47
C ALA A 81 -24.83 -20.60 -28.19
N LEU A 82 -23.53 -20.79 -28.39
CA LEU A 82 -22.55 -19.73 -28.13
C LEU A 82 -22.19 -19.00 -29.43
N PRO A 83 -22.16 -17.66 -29.37
CA PRO A 83 -21.61 -16.88 -30.47
C PRO A 83 -20.08 -16.98 -30.52
N GLU A 84 -19.48 -16.33 -31.52
CA GLU A 84 -18.03 -16.14 -31.49
C GLU A 84 -17.64 -15.50 -30.17
N MET A 85 -16.68 -16.13 -29.47
CA MET A 85 -16.23 -15.61 -28.18
C MET A 85 -14.71 -15.47 -28.14
N GLU A 86 -14.25 -14.26 -28.44
CA GLU A 86 -12.85 -14.00 -28.71
C GLU A 86 -12.47 -12.64 -28.15
N ILE A 87 -11.19 -12.49 -27.85
CA ILE A 87 -10.62 -11.19 -27.50
C ILE A 87 -9.76 -10.74 -28.66
N HIS A 88 -10.02 -9.53 -29.14
CA HIS A 88 -9.26 -8.97 -30.28
C HIS A 88 -8.58 -7.66 -29.88
N LEU A 89 -7.25 -7.61 -29.99
CA LEU A 89 -6.53 -6.34 -29.88
C LEU A 89 -6.07 -5.90 -31.26
N GLN A 90 -6.02 -4.58 -31.46
CA GLN A 90 -5.39 -4.01 -32.66
C GLN A 90 -4.48 -2.86 -32.27
N THR A 91 -3.37 -2.73 -32.99
CA THR A 91 -2.55 -1.52 -32.86
C THR A 91 -2.58 -0.77 -34.17
N ASN A 92 -2.59 0.55 -34.08
CA ASN A 92 -2.46 1.36 -35.28
C ASN A 92 -1.39 2.42 -35.15
N ALA A 93 -0.23 2.12 -35.74
CA ALA A 93 0.95 2.95 -35.50
C ALA A 93 0.78 4.34 -36.12
N GLU A 94 -0.04 4.43 -37.16
CA GLU A 94 -0.22 5.71 -37.83
C GLU A 94 -1.13 6.65 -37.06
N LYS A 95 -2.11 6.08 -36.37
CA LYS A 95 -3.04 6.87 -35.55
C LYS A 95 -2.57 6.98 -34.10
N GLY A 96 -1.61 6.15 -33.71
CA GLY A 96 -1.18 6.09 -32.33
C GLY A 96 -2.26 5.57 -31.39
N THR A 97 -2.95 4.51 -31.81
CA THR A 97 -3.98 3.90 -30.97
C THR A 97 -3.66 2.46 -30.63
N ILE A 98 -4.32 1.98 -29.58
CA ILE A 98 -4.45 0.56 -29.35
C ILE A 98 -5.89 0.29 -28.93
N THR A 99 -6.46 -0.79 -29.44
CA THR A 99 -7.88 -1.09 -29.27
C THR A 99 -7.98 -2.48 -28.66
N ILE A 100 -8.90 -2.64 -27.71
CA ILE A 100 -9.21 -3.98 -27.19
C ILE A 100 -10.70 -4.23 -27.24
N GLN A 101 -11.08 -5.31 -27.91
CA GLN A 101 -12.48 -5.65 -28.09
C GLN A 101 -12.79 -7.05 -27.61
N ASP A 102 -13.96 -7.22 -27.01
CA ASP A 102 -14.48 -8.55 -26.71
C ASP A 102 -15.95 -8.65 -27.11
N THR A 103 -16.39 -9.87 -27.39
CA THR A 103 -17.79 -10.11 -27.75
C THR A 103 -18.58 -10.66 -26.55
N GLY A 104 -18.30 -10.12 -25.37
CA GLY A 104 -18.88 -10.61 -24.13
C GLY A 104 -20.10 -9.81 -23.71
N ILE A 105 -20.38 -9.82 -22.42
CA ILE A 105 -21.73 -9.55 -21.92
C ILE A 105 -22.12 -8.08 -22.11
N GLY A 106 -21.11 -7.22 -22.25
CA GLY A 106 -21.35 -5.81 -22.56
C GLY A 106 -21.90 -5.09 -21.35
N MET A 107 -22.17 -3.81 -21.52
CA MET A 107 -22.63 -2.96 -20.42
C MET A 107 -23.80 -2.15 -20.93
N THR A 108 -24.75 -1.86 -20.05
CA THR A 108 -25.82 -0.93 -20.40
C THR A 108 -25.30 0.49 -20.34
N GLN A 109 -26.12 1.42 -20.82
CA GLN A 109 -25.71 2.81 -20.87
C GLN A 109 -25.45 3.31 -19.45
N GLU A 110 -26.30 2.91 -18.52
CA GLU A 110 -26.12 3.32 -17.13
C GLU A 110 -24.86 2.74 -16.49
N GLU A 111 -24.57 1.49 -16.79
CA GLU A 111 -23.34 0.82 -16.31
C GLU A 111 -22.07 1.47 -16.86
N LEU A 112 -22.08 1.82 -18.14
CA LEU A 112 -20.96 2.57 -18.72
C LEU A 112 -20.72 3.83 -17.92
N VAL A 113 -21.76 4.65 -17.82
CA VAL A 113 -21.63 5.96 -17.18
C VAL A 113 -21.14 5.82 -15.74
N SER A 114 -21.77 4.94 -14.97
CA SER A 114 -21.42 4.80 -13.57
C SER A 114 -20.03 4.19 -13.38
N ASN A 115 -19.75 3.12 -14.10
CA ASN A 115 -18.47 2.39 -13.94
C ASN A 115 -17.28 3.28 -14.34
N LEU A 116 -17.35 3.85 -15.53
CA LEU A 116 -16.21 4.58 -16.06
C LEU A 116 -16.04 5.93 -15.36
N GLY A 117 -17.15 6.57 -15.01
CA GLY A 117 -17.07 7.78 -14.19
C GLY A 117 -16.36 7.52 -12.87
N THR A 118 -16.80 6.45 -12.19
CA THR A 118 -16.23 6.09 -10.88
C THR A 118 -14.74 5.85 -10.97
N ILE A 119 -14.31 5.07 -11.96
CA ILE A 119 -12.89 4.78 -12.12
C ILE A 119 -12.08 6.05 -12.40
N ALA A 120 -12.62 6.94 -13.23
CA ALA A 120 -11.92 8.18 -13.57
C ALA A 120 -11.73 9.11 -12.39
N ARG A 121 -12.58 8.98 -11.39
CA ARG A 121 -12.45 9.75 -10.16
C ARG A 121 -11.70 9.02 -9.04
N SER A 122 -11.17 7.83 -9.34
CA SER A 122 -10.62 6.98 -8.28
C SER A 122 -9.11 6.81 -8.38
N GLY A 123 -8.42 7.80 -8.99
CA GLY A 123 -6.97 7.74 -9.19
C GLY A 123 -6.19 7.27 -7.95
N SER A 124 -6.38 7.94 -6.83
CA SER A 124 -5.53 7.67 -5.66
C SER A 124 -5.81 6.27 -5.12
N LYS A 125 -7.07 5.85 -5.20
CA LYS A 125 -7.41 4.48 -4.85
C LYS A 125 -6.72 3.48 -5.76
N ALA A 126 -6.75 3.73 -7.07
CA ALA A 126 -6.07 2.86 -8.03
C ALA A 126 -4.56 2.78 -7.75
N PHE A 127 -3.95 3.93 -7.50
CA PHE A 127 -2.51 3.94 -7.20
C PHE A 127 -2.19 3.17 -5.92
N LEU A 128 -3.00 3.34 -4.89
CA LEU A 128 -2.75 2.62 -3.63
C LEU A 128 -2.93 1.12 -3.86
N ASP A 129 -4.00 0.75 -4.55
CA ASP A 129 -4.23 -0.63 -4.92
C ASP A 129 -3.07 -1.25 -5.69
N ALA A 130 -2.50 -0.51 -6.64
CA ALA A 130 -1.42 -1.05 -7.45
C ALA A 130 -0.18 -1.28 -6.58
N LEU A 131 -0.06 -0.50 -5.52
CA LEU A 131 1.12 -0.57 -4.67
C LEU A 131 1.00 -1.69 -3.65
N GLN A 132 -0.25 -2.09 -3.38
CA GLN A 132 -0.52 -3.01 -2.29
C GLN A 132 -0.85 -4.40 -2.82
N ILE A 141 -16.90 -2.38 -7.39
CA ILE A 141 -17.51 -1.44 -8.33
C ILE A 141 -18.28 -2.18 -9.43
N ILE A 142 -19.32 -1.52 -9.95
CA ILE A 142 -20.30 -2.18 -10.81
C ILE A 142 -19.95 -1.99 -12.29
N GLY A 143 -19.83 -3.10 -13.01
CA GLY A 143 -19.52 -3.05 -14.43
C GLY A 143 -18.31 -3.89 -14.81
N GLN A 144 -17.86 -3.74 -16.06
CA GLN A 144 -16.77 -4.53 -16.60
C GLN A 144 -15.44 -4.22 -15.90
N PHE A 145 -15.34 -3.04 -15.30
CA PHE A 145 -14.02 -2.50 -14.94
C PHE A 145 -13.88 -2.27 -13.43
N GLY A 146 -12.68 -2.53 -12.90
CA GLY A 146 -12.33 -2.11 -11.54
C GLY A 146 -11.40 -0.92 -11.52
N VAL A 147 -10.92 -0.54 -10.34
CA VAL A 147 -10.10 0.67 -10.24
C VAL A 147 -8.83 0.53 -11.06
N GLY A 148 -8.42 -0.71 -11.31
CA GLY A 148 -7.21 -0.98 -12.08
C GLY A 148 -7.26 -0.41 -13.49
N PHE A 149 -8.46 -0.24 -14.02
CA PHE A 149 -8.65 0.37 -15.34
C PHE A 149 -8.09 1.79 -15.42
N TYR A 150 -7.81 2.38 -14.26
CA TYR A 150 -7.14 3.68 -14.23
C TYR A 150 -5.81 3.66 -14.96
N SER A 151 -5.17 2.49 -15.04
CA SER A 151 -3.96 2.32 -15.85
C SER A 151 -4.14 2.79 -17.29
N ALA A 152 -5.34 2.61 -17.84
CA ALA A 152 -5.63 3.07 -19.22
C ALA A 152 -5.62 4.60 -19.31
N PHE A 153 -6.24 5.27 -18.34
CA PHE A 153 -6.19 6.72 -18.32
C PHE A 153 -4.77 7.29 -18.18
N MET A 154 -3.87 6.52 -17.57
CA MET A 154 -2.50 6.97 -17.33
C MET A 154 -1.73 7.08 -18.64
N VAL A 155 -2.18 6.36 -19.66
CA VAL A 155 -1.43 6.30 -20.93
C VAL A 155 -2.16 7.00 -22.08
N ALA A 156 -3.35 7.53 -21.79
CA ALA A 156 -4.28 7.96 -22.86
C ALA A 156 -4.40 9.48 -22.88
N ASP A 157 -4.40 10.07 -24.09
CA ASP A 157 -5.01 11.39 -24.30
C ASP A 157 -6.53 11.28 -24.36
N ARG A 158 -7.02 10.21 -24.98
CA ARG A 158 -8.44 10.07 -25.23
C ARG A 158 -8.82 8.61 -25.04
N VAL A 159 -9.93 8.37 -24.35
CA VAL A 159 -10.43 7.00 -24.18
C VAL A 159 -11.86 6.90 -24.65
N GLU A 160 -12.10 5.99 -25.61
CA GLU A 160 -13.43 5.72 -26.10
C GLU A 160 -13.83 4.31 -25.71
N VAL A 161 -14.98 4.17 -25.06
CA VAL A 161 -15.50 2.85 -24.73
C VAL A 161 -16.87 2.64 -25.38
N TYR A 162 -16.94 1.67 -26.30
CA TYR A 162 -18.20 1.31 -26.95
C TYR A 162 -18.71 0.04 -26.29
N SER A 163 -20.00 -0.01 -25.99
CA SER A 163 -20.57 -1.24 -25.44
C SER A 163 -22.02 -1.41 -25.82
N ARG A 164 -22.38 -2.65 -26.14
CA ARG A 164 -23.77 -3.03 -26.30
C ARG A 164 -24.06 -4.26 -25.46
N SER A 165 -24.96 -4.09 -24.49
CA SER A 165 -25.28 -5.19 -23.60
C SER A 165 -25.76 -6.40 -24.41
N ALA A 166 -25.52 -7.59 -23.87
CA ALA A 166 -25.87 -8.81 -24.56
C ALA A 166 -27.38 -9.12 -24.48
N ALA A 167 -28.10 -8.36 -23.66
CA ALA A 167 -29.54 -8.57 -23.53
C ALA A 167 -30.27 -8.22 -24.83
N PRO A 168 -31.18 -9.09 -25.28
CA PRO A 168 -31.70 -8.90 -26.63
C PRO A 168 -32.39 -7.55 -26.78
N GLY A 169 -32.13 -6.89 -27.90
CA GLY A 169 -32.73 -5.59 -28.18
C GLY A 169 -31.93 -4.40 -27.63
N SER A 170 -30.76 -4.68 -27.07
CA SER A 170 -29.95 -3.60 -26.50
C SER A 170 -29.43 -2.67 -27.59
N LEU A 171 -29.40 -1.37 -27.30
CA LEU A 171 -28.75 -0.40 -28.17
C LEU A 171 -27.27 -0.25 -27.80
N GLY A 172 -26.46 0.22 -28.74
CA GLY A 172 -25.04 0.48 -28.47
C GLY A 172 -24.81 1.91 -28.02
N TYR A 173 -23.81 2.09 -27.16
CA TYR A 173 -23.47 3.42 -26.65
C TYR A 173 -21.96 3.60 -26.65
N GLN A 174 -21.53 4.86 -26.75
CA GLN A 174 -20.14 5.23 -26.55
C GLN A 174 -20.01 6.13 -25.34
N TRP A 175 -19.04 5.83 -24.48
CA TRP A 175 -18.63 6.74 -23.42
C TRP A 175 -17.24 7.27 -23.76
N LEU A 176 -17.06 8.57 -23.61
CA LEU A 176 -15.87 9.26 -24.09
C LEU A 176 -15.23 10.11 -23.00
N SER A 177 -13.93 9.91 -22.79
CA SER A 177 -13.10 10.91 -22.10
C SER A 177 -12.12 11.49 -23.09
N ASP A 178 -12.18 12.81 -23.27
CA ASP A 178 -11.32 13.47 -24.26
C ASP A 178 -10.22 14.28 -23.57
N GLY A 179 -10.09 14.10 -22.26
CA GLY A 179 -9.00 14.70 -21.49
C GLY A 179 -9.34 16.06 -20.92
N SER A 180 -10.52 16.57 -21.26
CA SER A 180 -11.08 17.72 -20.57
C SER A 180 -11.66 17.25 -19.23
N GLY A 181 -12.32 18.13 -18.49
CA GLY A 181 -12.92 17.68 -17.24
C GLY A 181 -14.26 16.95 -17.36
N VAL A 182 -14.71 16.70 -18.59
CA VAL A 182 -16.12 16.33 -18.80
C VAL A 182 -16.23 15.09 -19.69
N PHE A 183 -16.97 14.09 -19.21
CA PHE A 183 -17.21 12.87 -20.00
C PHE A 183 -18.51 12.99 -20.80
N GLU A 184 -18.62 12.24 -21.89
CA GLU A 184 -19.79 12.26 -22.75
C GLU A 184 -20.30 10.87 -23.03
N ILE A 185 -21.62 10.73 -23.13
CA ILE A 185 -22.25 9.46 -23.46
C ILE A 185 -23.20 9.68 -24.63
N ALA A 186 -23.22 8.74 -25.57
CA ALA A 186 -24.02 8.93 -26.78
C ALA A 186 -24.37 7.58 -27.37
N GLU A 187 -25.54 7.49 -28.02
CA GLU A 187 -25.86 6.29 -28.77
C GLU A 187 -24.87 6.11 -29.91
N ALA A 188 -24.51 4.85 -30.17
CA ALA A 188 -23.54 4.52 -31.21
C ALA A 188 -23.99 3.25 -31.92
N SER A 189 -24.63 3.40 -33.08
CA SER A 189 -25.10 2.24 -33.83
C SER A 189 -23.93 1.54 -34.53
N GLY A 190 -24.12 0.27 -34.85
CA GLY A 190 -23.04 -0.50 -35.46
C GLY A 190 -21.98 -0.91 -34.45
N VAL A 191 -22.18 -0.54 -33.19
CA VAL A 191 -21.52 -1.23 -32.07
C VAL A 191 -22.03 -2.66 -31.96
N ARG A 192 -21.10 -3.62 -31.96
CA ARG A 192 -21.48 -5.01 -31.76
C ARG A 192 -21.54 -5.40 -30.30
N THR A 193 -22.43 -6.35 -29.98
CA THR A 193 -22.54 -6.85 -28.63
C THR A 193 -21.15 -7.08 -28.03
N GLY A 194 -20.99 -6.70 -26.76
CA GLY A 194 -19.69 -6.71 -26.11
C GLY A 194 -19.16 -5.30 -25.93
N THR A 195 -17.84 -5.16 -25.89
CA THR A 195 -17.24 -3.89 -25.50
C THR A 195 -15.96 -3.70 -26.28
N LYS A 196 -15.78 -2.50 -26.79
CA LYS A 196 -14.59 -2.16 -27.54
C LYS A 196 -14.00 -0.88 -26.97
N ILE A 197 -12.74 -0.96 -26.55
CA ILE A 197 -12.07 0.21 -25.97
C ILE A 197 -10.99 0.71 -26.93
N ILE A 198 -11.08 1.98 -27.31
CA ILE A 198 -10.03 2.61 -28.10
C ILE A 198 -9.24 3.62 -27.28
N ILE A 199 -7.93 3.42 -27.21
CA ILE A 199 -7.07 4.34 -26.49
C ILE A 199 -6.21 5.11 -27.50
N HIS A 200 -6.35 6.44 -27.49
CA HIS A 200 -5.39 7.30 -28.22
C HIS A 200 -4.25 7.64 -27.27
N LEU A 201 -3.06 7.15 -27.57
CA LEU A 201 -1.97 7.12 -26.60
C LEU A 201 -1.33 8.48 -26.41
N LYS A 202 -0.88 8.77 -25.18
CA LYS A 202 -0.16 10.00 -24.88
C LYS A 202 1.13 10.11 -25.69
N SER A 203 1.78 11.27 -25.60
CA SER A 203 2.90 11.60 -26.46
C SER A 203 4.11 10.75 -26.14
N ASP A 204 4.25 10.37 -24.86
CA ASP A 204 5.33 9.50 -24.43
C ASP A 204 4.95 8.01 -24.33
N CYS A 205 3.82 7.64 -24.95
CA CYS A 205 3.28 6.27 -24.83
C CYS A 205 3.05 5.59 -26.17
N LYS A 206 3.64 6.15 -27.23
CA LYS A 206 3.30 5.71 -28.59
C LYS A 206 3.80 4.31 -28.90
N GLU A 207 4.74 3.82 -28.09
CA GLU A 207 5.26 2.47 -28.27
C GLU A 207 4.14 1.43 -28.21
N PHE A 208 3.05 1.77 -27.54
CA PHE A 208 1.97 0.82 -27.38
C PHE A 208 1.08 0.74 -28.61
N SER A 209 1.39 1.54 -29.63
CA SER A 209 0.76 1.39 -30.96
C SER A 209 1.66 0.68 -31.96
N SER A 210 2.77 0.15 -31.48
CA SER A 210 3.63 -0.72 -32.30
C SER A 210 3.35 -2.19 -32.02
N GLU A 211 3.06 -2.96 -33.06
CA GLU A 211 2.78 -4.37 -32.87
C GLU A 211 3.94 -5.05 -32.14
N ALA A 212 5.16 -4.75 -32.56
CA ALA A 212 6.35 -5.38 -31.99
C ALA A 212 6.39 -5.25 -30.46
N ARG A 213 6.19 -4.03 -29.98
CA ARG A 213 6.24 -3.75 -28.55
C ARG A 213 5.16 -4.52 -27.79
N VAL A 214 3.97 -4.58 -28.38
CA VAL A 214 2.80 -5.08 -27.69
C VAL A 214 2.72 -6.61 -27.79
N ARG A 215 3.39 -7.18 -28.79
CA ARG A 215 3.29 -8.61 -29.04
C ARG A 215 3.81 -9.39 -27.83
N ASP A 216 4.92 -8.94 -27.27
CA ASP A 216 5.57 -9.66 -26.17
C ASP A 216 4.73 -9.57 -24.88
N VAL A 217 4.17 -8.39 -24.64
CA VAL A 217 3.23 -8.20 -23.52
C VAL A 217 2.01 -9.12 -23.68
N VAL A 218 1.41 -9.12 -24.86
CA VAL A 218 0.16 -9.84 -25.00
C VAL A 218 0.33 -11.34 -25.22
N THR A 219 1.49 -11.74 -25.75
CA THR A 219 1.82 -13.17 -25.80
C THR A 219 1.88 -13.78 -24.40
N LYS A 220 2.62 -13.16 -23.50
CA LYS A 220 2.73 -13.67 -22.15
C LYS A 220 1.39 -13.65 -21.43
N TYR A 221 0.66 -12.54 -21.50
CA TYR A 221 -0.54 -12.42 -20.69
C TYR A 221 -1.71 -13.26 -21.21
N SER A 222 -1.73 -13.54 -22.51
CA SER A 222 -2.84 -14.28 -23.12
C SER A 222 -2.84 -15.74 -22.70
N ASN A 223 -1.76 -16.20 -22.08
CA ASN A 223 -1.75 -17.50 -21.42
C ASN A 223 -2.82 -17.60 -20.34
N PHE A 224 -3.16 -16.46 -19.74
CA PHE A 224 -3.94 -16.44 -18.52
C PHE A 224 -5.42 -16.16 -18.75
N VAL A 225 -5.85 -16.18 -20.01
CA VAL A 225 -7.29 -16.09 -20.29
C VAL A 225 -7.85 -17.39 -20.88
N SER A 226 -9.16 -17.58 -20.74
CA SER A 226 -9.81 -18.84 -21.10
C SER A 226 -10.43 -18.77 -22.50
N PHE A 227 -10.13 -17.71 -23.23
CA PHE A 227 -10.67 -17.53 -24.57
C PHE A 227 -9.54 -17.28 -25.57
N PRO A 228 -9.79 -17.58 -26.86
CA PRO A 228 -8.87 -17.19 -27.92
C PRO A 228 -8.61 -15.70 -27.95
N LEU A 229 -7.35 -15.32 -28.06
CA LEU A 229 -6.96 -13.92 -28.13
C LEU A 229 -6.13 -13.65 -29.37
N TYR A 230 -6.50 -12.60 -30.09
CA TYR A 230 -5.83 -12.22 -31.32
C TYR A 230 -5.20 -10.85 -31.16
N LEU A 231 -4.09 -10.63 -31.87
CA LEU A 231 -3.53 -9.30 -32.00
C LEU A 231 -3.34 -9.01 -33.48
N ASN A 232 -3.96 -7.95 -33.98
CA ASN A 232 -3.94 -7.63 -35.41
C ASN A 232 -4.23 -8.84 -36.29
N GLY A 233 -5.21 -9.64 -35.88
CA GLY A 233 -5.73 -10.72 -36.72
C GLY A 233 -4.96 -12.01 -36.54
N ARG A 234 -3.92 -11.98 -35.69
CA ARG A 234 -3.12 -13.16 -35.45
C ARG A 234 -3.40 -13.75 -34.07
N ARG A 235 -3.53 -15.08 -34.01
CA ARG A 235 -3.80 -15.77 -32.76
C ARG A 235 -2.56 -15.82 -31.87
N MET A 236 -2.71 -15.43 -30.61
CA MET A 236 -1.55 -15.18 -29.76
C MET A 236 -1.39 -16.27 -28.71
N ASN A 237 -2.50 -16.89 -28.32
CA ASN A 237 -2.45 -17.98 -27.35
C ASN A 237 -2.85 -19.33 -27.97
N THR A 238 -2.33 -20.40 -27.38
CA THR A 238 -2.67 -21.75 -27.80
C THR A 238 -4.18 -21.99 -27.71
N GLN B 26 -2.65 20.78 -24.53
CA GLN B 26 -3.94 20.06 -24.32
C GLN B 26 -3.74 18.67 -23.72
N GLY B 27 -2.75 17.93 -24.23
CA GLY B 27 -2.37 16.63 -23.67
C GLY B 27 -1.20 16.71 -22.71
N SER B 28 -1.21 15.90 -21.65
CA SER B 28 -0.07 15.82 -20.75
C SER B 28 0.74 14.54 -21.02
N THR B 29 2.00 14.49 -20.55
CA THR B 29 2.78 13.26 -20.66
C THR B 29 2.39 12.26 -19.59
N SER B 30 2.50 10.98 -19.92
CA SER B 30 2.29 9.93 -18.93
C SER B 30 3.25 10.09 -17.74
N LYS B 31 4.49 10.48 -18.03
CA LYS B 31 5.48 10.67 -16.97
C LYS B 31 5.02 11.73 -15.97
N HIS B 32 4.52 12.86 -16.48
CA HIS B 32 4.06 13.93 -15.60
C HIS B 32 2.85 13.48 -14.77
N GLU B 33 1.94 12.76 -15.42
CA GLU B 33 0.78 12.23 -14.70
C GLU B 33 1.18 11.24 -13.59
N PHE B 34 2.12 10.34 -13.85
CA PHE B 34 2.53 9.40 -12.81
C PHE B 34 3.13 10.16 -11.63
N GLN B 35 3.88 11.22 -11.94
CA GLN B 35 4.50 12.02 -10.88
C GLN B 35 3.41 12.65 -10.02
N ALA B 36 2.43 13.26 -10.69
CA ALA B 36 1.35 13.96 -9.99
C ALA B 36 0.47 13.02 -9.16
N GLU B 37 0.00 11.93 -9.78
CA GLU B 37 -0.81 10.96 -9.03
C GLU B 37 -0.06 10.40 -7.84
N THR B 38 1.23 10.16 -8.00
CA THR B 38 2.02 9.62 -6.88
C THR B 38 2.11 10.65 -5.76
N LYS B 39 2.35 11.90 -6.13
CA LYS B 39 2.45 12.99 -5.18
C LYS B 39 1.13 13.18 -4.43
N LYS B 40 0.02 13.08 -5.15
CA LYS B 40 -1.30 13.21 -4.54
C LYS B 40 -1.56 12.09 -3.55
N LEU B 41 -1.21 10.86 -3.92
CA LEU B 41 -1.42 9.73 -3.01
C LEU B 41 -0.55 9.87 -1.77
N LEU B 42 0.70 10.29 -1.97
CA LEU B 42 1.62 10.34 -0.83
C LEU B 42 1.18 11.39 0.20
N ASP B 43 0.54 12.45 -0.28
CA ASP B 43 -0.05 13.45 0.61
C ASP B 43 -1.25 12.91 1.39
N ILE B 44 -2.09 12.13 0.73
CA ILE B 44 -3.20 11.47 1.42
C ILE B 44 -2.67 10.50 2.45
N VAL B 45 -1.63 9.76 2.09
CA VAL B 45 -1.02 8.79 3.00
C VAL B 45 -0.33 9.45 4.21
N ALA B 46 0.29 10.61 3.98
CA ALA B 46 0.94 11.33 5.08
C ALA B 46 -0.11 11.73 6.12
N ARG B 47 -1.26 12.17 5.64
CA ARG B 47 -2.31 12.60 6.56
C ARG B 47 -2.90 11.42 7.33
N SER B 48 -3.14 10.31 6.64
CA SER B 48 -3.73 9.15 7.31
C SER B 48 -2.75 8.45 8.27
N LEU B 49 -1.48 8.42 7.91
CA LEU B 49 -0.46 7.90 8.84
C LEU B 49 -0.35 8.79 10.08
N TYR B 50 -0.37 10.10 9.88
CA TYR B 50 -0.33 11.01 11.01
C TYR B 50 -1.51 10.75 11.95
N SER B 51 -2.69 10.55 11.38
CA SER B 51 -3.89 10.34 12.19
C SER B 51 -3.78 9.03 12.97
N GLU B 52 -2.98 8.10 12.47
CA GLU B 52 -2.84 6.77 13.05
C GLU B 52 -1.59 6.61 13.90
N LYS B 53 -0.90 7.71 14.20
CA LYS B 53 0.47 7.63 14.73
C LYS B 53 0.58 6.83 16.02
N GLU B 54 -0.52 6.74 16.77
CA GLU B 54 -0.55 5.95 18.00
C GLU B 54 -0.04 4.53 17.80
N VAL B 55 0.11 4.14 16.54
CA VAL B 55 0.65 2.83 16.22
C VAL B 55 1.99 2.52 16.88
N PHE B 56 2.78 3.56 17.19
CA PHE B 56 4.10 3.30 17.80
C PHE B 56 3.94 2.52 19.09
N ILE B 57 2.82 2.72 19.78
CA ILE B 57 2.61 2.03 21.05
C ILE B 57 2.39 0.54 20.83
N ARG B 58 1.70 0.20 19.75
CA ARG B 58 1.54 -1.22 19.43
C ARG B 58 2.85 -1.87 19.02
N GLU B 59 3.68 -1.10 18.34
CA GLU B 59 4.95 -1.61 17.90
C GLU B 59 5.86 -1.86 19.10
N LEU B 60 5.97 -0.88 20.00
CA LEU B 60 6.78 -1.03 21.21
C LEU B 60 6.33 -2.24 22.04
N ILE B 61 5.02 -2.38 22.19
CA ILE B 61 4.47 -3.46 23.02
C ILE B 61 4.75 -4.83 22.41
N SER B 62 4.58 -4.91 21.10
CA SER B 62 4.86 -6.12 20.35
C SER B 62 6.33 -6.51 20.47
N ASN B 63 7.20 -5.52 20.39
CA ASN B 63 8.62 -5.75 20.58
C ASN B 63 8.96 -6.23 21.99
N ALA B 64 8.35 -5.60 22.98
CA ALA B 64 8.54 -5.99 24.38
C ALA B 64 8.14 -7.44 24.60
N SER B 65 6.99 -7.82 24.06
CA SER B 65 6.46 -9.18 24.26
C SER B 65 7.34 -10.23 23.59
N ASP B 66 7.80 -9.93 22.38
CA ASP B 66 8.74 -10.79 21.68
C ASP B 66 10.05 -11.01 22.46
N ALA B 67 10.61 -9.95 23.05
CA ALA B 67 11.84 -10.09 23.83
C ALA B 67 11.62 -10.95 25.08
N LEU B 68 10.50 -10.73 25.75
CA LEU B 68 10.12 -11.59 26.89
C LEU B 68 10.01 -13.06 26.48
N GLU B 69 9.34 -13.33 25.37
CA GLU B 69 9.18 -14.70 24.91
C GLU B 69 10.52 -15.34 24.53
N LYS B 70 11.43 -14.55 23.95
CA LYS B 70 12.78 -15.05 23.69
C LYS B 70 13.46 -15.53 24.97
N LEU B 71 13.38 -14.73 26.03
CA LEU B 71 14.00 -15.11 27.29
C LEU B 71 13.26 -16.30 27.92
N ARG B 72 11.93 -16.27 27.83
CA ARG B 72 11.12 -17.34 28.41
C ARG B 72 11.45 -18.66 27.75
N HIS B 73 11.54 -18.64 26.42
CA HIS B 73 11.91 -19.84 25.69
C HIS B 73 13.27 -20.38 26.13
N LYS B 74 14.23 -19.47 26.29
CA LYS B 74 15.58 -19.84 26.72
C LYS B 74 15.61 -20.49 28.09
N LEU B 75 14.95 -19.86 29.07
CA LEU B 75 14.90 -20.40 30.42
C LEU B 75 14.18 -21.73 30.46
N VAL B 76 13.03 -21.81 29.79
CA VAL B 76 12.24 -23.03 29.81
C VAL B 76 13.03 -24.19 29.22
N SER B 77 13.81 -23.90 28.18
CA SER B 77 14.53 -24.95 27.47
C SER B 77 15.80 -25.35 28.21
N ASP B 78 16.19 -24.52 29.19
CA ASP B 78 17.28 -24.84 30.11
C ASP B 78 16.79 -25.30 31.49
N GLY B 79 15.49 -25.53 31.62
CA GLY B 79 14.93 -26.12 32.84
C GLY B 79 14.97 -25.20 34.05
N GLN B 80 15.00 -23.89 33.80
CA GLN B 80 15.13 -22.88 34.85
C GLN B 80 13.75 -22.33 35.19
N ALA B 81 13.51 -22.09 36.48
CA ALA B 81 12.23 -21.50 36.89
C ALA B 81 12.15 -20.07 36.38
N LEU B 82 10.97 -19.66 35.95
CA LEU B 82 10.80 -18.33 35.36
C LEU B 82 10.74 -17.25 36.43
N PRO B 83 11.39 -16.10 36.19
CA PRO B 83 11.12 -14.89 36.96
C PRO B 83 9.76 -14.27 36.59
N GLU B 84 9.39 -13.21 37.30
CA GLU B 84 8.30 -12.32 36.87
C GLU B 84 8.54 -11.84 35.45
N MET B 85 7.56 -12.03 34.57
CA MET B 85 7.73 -11.59 33.19
C MET B 85 6.57 -10.72 32.73
N GLU B 86 6.82 -9.41 32.69
CA GLU B 86 5.74 -8.43 32.60
C GLU B 86 6.16 -7.32 31.63
N ILE B 87 5.18 -6.67 31.03
CA ILE B 87 5.45 -5.50 30.21
C ILE B 87 4.89 -4.28 30.93
N HIS B 88 5.75 -3.30 31.19
CA HIS B 88 5.34 -2.11 31.91
C HIS B 88 5.44 -0.86 31.06
N LEU B 89 4.34 -0.12 30.96
CA LEU B 89 4.36 1.22 30.43
C LEU B 89 4.15 2.24 31.54
N GLN B 90 4.80 3.40 31.41
CA GLN B 90 4.50 4.56 32.25
C GLN B 90 4.29 5.80 31.39
N THR B 91 3.49 6.73 31.87
CA THR B 91 3.34 8.02 31.22
C THR B 91 3.72 9.09 32.23
N ASN B 92 4.32 10.17 31.76
CA ASN B 92 4.61 11.30 32.64
C ASN B 92 4.20 12.61 31.98
N ALA B 93 3.05 13.12 32.38
CA ALA B 93 2.46 14.28 31.72
C ALA B 93 3.26 15.55 32.01
N GLU B 94 3.91 15.59 33.17
CA GLU B 94 4.78 16.72 33.50
C GLU B 94 5.93 16.81 32.50
N LYS B 95 6.53 15.66 32.21
CA LYS B 95 7.77 15.61 31.44
C LYS B 95 7.49 15.36 29.96
N GLY B 96 6.22 15.13 29.64
CA GLY B 96 5.84 14.79 28.26
C GLY B 96 6.55 13.55 27.74
N THR B 97 6.57 12.49 28.55
CA THR B 97 7.22 11.23 28.15
C THR B 97 6.26 10.04 28.22
N ILE B 98 6.58 9.02 27.43
CA ILE B 98 5.99 7.70 27.61
C ILE B 98 7.11 6.67 27.60
N THR B 99 7.00 5.70 28.49
CA THR B 99 8.08 4.76 28.73
C THR B 99 7.55 3.34 28.60
N ILE B 100 8.34 2.46 27.98
CA ILE B 100 8.02 1.04 28.03
C ILE B 100 9.21 0.20 28.47
N GLN B 101 8.94 -0.76 29.34
CA GLN B 101 10.00 -1.58 29.89
C GLN B 101 9.60 -3.06 29.85
N ASP B 102 10.54 -3.91 29.48
CA ASP B 102 10.38 -5.36 29.60
C ASP B 102 11.60 -5.98 30.28
N THR B 103 11.40 -7.13 30.92
CA THR B 103 12.51 -7.84 31.54
C THR B 103 12.93 -9.03 30.70
N GLY B 104 12.95 -8.83 29.39
CA GLY B 104 13.23 -9.91 28.45
C GLY B 104 14.71 -10.02 28.11
N ILE B 105 15.00 -10.54 26.93
CA ILE B 105 16.32 -11.06 26.62
C ILE B 105 17.35 -9.94 26.48
N GLY B 106 16.88 -8.71 26.30
CA GLY B 106 17.80 -7.56 26.20
C GLY B 106 18.64 -7.55 24.93
N MET B 107 19.48 -6.53 24.81
CA MET B 107 20.40 -6.39 23.67
C MET B 107 21.80 -6.12 24.19
N THR B 108 22.79 -6.58 23.45
CA THR B 108 24.18 -6.21 23.77
C THR B 108 24.42 -4.78 23.32
N GLN B 109 25.59 -4.24 23.68
CA GLN B 109 25.96 -2.91 23.25
C GLN B 109 25.99 -2.87 21.73
N GLU B 110 26.58 -3.89 21.13
CA GLU B 110 26.74 -3.94 19.68
C GLU B 110 25.38 -4.01 19.00
N GLU B 111 24.47 -4.78 19.58
CA GLU B 111 23.10 -4.87 19.03
C GLU B 111 22.35 -3.55 19.11
N LEU B 112 22.43 -2.87 20.25
CA LEU B 112 21.82 -1.54 20.39
C LEU B 112 22.29 -0.63 19.28
N VAL B 113 23.62 -0.52 19.15
CA VAL B 113 24.21 0.39 18.18
C VAL B 113 23.82 0.04 16.75
N SER B 114 23.87 -1.24 16.40
CA SER B 114 23.59 -1.62 15.03
C SER B 114 22.09 -1.53 14.73
N ASN B 115 21.26 -2.08 15.61
CA ASN B 115 19.81 -2.15 15.39
C ASN B 115 19.16 -0.77 15.36
N LEU B 116 19.45 0.04 16.37
CA LEU B 116 18.83 1.37 16.45
C LEU B 116 19.36 2.37 15.40
N GLY B 117 20.66 2.36 15.16
CA GLY B 117 21.22 3.14 14.05
C GLY B 117 20.57 2.79 12.73
N THR B 118 20.49 1.49 12.44
CA THR B 118 19.90 1.04 11.19
C THR B 118 18.46 1.53 11.04
N ILE B 119 17.66 1.33 12.08
CA ILE B 119 16.25 1.74 12.03
C ILE B 119 16.11 3.24 11.81
N ALA B 120 16.96 4.01 12.48
CA ALA B 120 16.90 5.46 12.39
C ALA B 120 17.21 5.94 10.98
N ARG B 121 18.02 5.18 10.26
CA ARG B 121 18.42 5.53 8.91
C ARG B 121 17.53 4.87 7.84
N SER B 122 16.55 4.09 8.29
CA SER B 122 15.71 3.30 7.36
C SER B 122 14.25 3.78 7.32
N GLY B 123 14.04 5.08 7.49
CA GLY B 123 12.68 5.64 7.44
C GLY B 123 11.96 5.38 6.13
N SER B 124 12.66 5.53 5.01
CA SER B 124 11.99 5.29 3.72
C SER B 124 11.60 3.81 3.52
N LYS B 125 12.39 2.89 4.05
CA LYS B 125 11.99 1.47 4.01
C LYS B 125 10.76 1.24 4.87
N ALA B 126 10.73 1.89 6.03
CA ALA B 126 9.62 1.71 6.95
C ALA B 126 8.35 2.23 6.32
N PHE B 127 8.45 3.41 5.68
CA PHE B 127 7.27 4.00 5.02
C PHE B 127 6.80 3.24 3.78
N LEU B 128 7.75 2.73 3.01
CA LEU B 128 7.39 1.95 1.82
C LEU B 128 6.71 0.65 2.24
N ASP B 129 7.12 0.12 3.40
CA ASP B 129 6.48 -1.07 3.94
C ASP B 129 5.06 -0.79 4.37
N ALA B 130 4.85 0.36 4.99
CA ALA B 130 3.50 0.74 5.38
C ALA B 130 2.64 1.01 4.14
N LEU B 131 3.24 1.61 3.13
CA LEU B 131 2.52 1.97 1.90
C LEU B 131 1.98 0.73 1.21
N GLN B 132 2.82 -0.28 1.11
CA GLN B 132 2.53 -1.47 0.32
C GLN B 132 1.89 -2.56 1.17
N ASN B 133 1.66 -2.26 2.44
CA ASN B 133 1.40 -3.28 3.46
C ASN B 133 2.33 -4.49 3.39
N GLN B 144 16.00 -6.22 18.93
CA GLN B 144 14.64 -6.16 19.44
C GLN B 144 13.68 -5.62 18.39
N PHE B 145 14.21 -4.85 17.43
CA PHE B 145 13.37 -3.93 16.66
C PHE B 145 13.45 -4.14 15.15
N GLY B 146 12.31 -4.05 14.48
CA GLY B 146 12.28 -4.01 13.02
C GLY B 146 12.18 -2.57 12.54
N VAL B 147 12.06 -2.35 11.24
CA VAL B 147 11.94 -0.99 10.73
C VAL B 147 10.66 -0.30 11.18
N GLY B 148 9.65 -1.09 11.55
CA GLY B 148 8.40 -0.52 12.07
C GLY B 148 8.58 0.30 13.33
N PHE B 149 9.69 0.04 14.05
CA PHE B 149 10.08 0.88 15.20
C PHE B 149 10.19 2.35 14.80
N TYR B 150 10.37 2.61 13.50
CA TYR B 150 10.49 3.98 13.05
C TYR B 150 9.27 4.81 13.49
N SER B 151 8.14 4.13 13.70
CA SER B 151 6.94 4.78 14.19
C SER B 151 7.20 5.56 15.49
N ALA B 152 8.11 5.04 16.33
CA ALA B 152 8.52 5.79 17.52
C ALA B 152 9.29 7.07 17.22
N PHE B 153 10.21 7.01 16.26
CA PHE B 153 10.95 8.20 15.86
C PHE B 153 10.00 9.27 15.35
N MET B 154 8.86 8.85 14.80
CA MET B 154 7.92 9.78 14.20
C MET B 154 7.20 10.65 15.24
N VAL B 155 7.16 10.21 16.48
CA VAL B 155 6.46 10.95 17.54
C VAL B 155 7.42 11.54 18.58
N ALA B 156 8.72 11.39 18.34
CA ALA B 156 9.73 11.68 19.36
C ALA B 156 10.61 12.90 19.05
N ASP B 157 10.87 13.71 20.08
CA ASP B 157 11.99 14.66 20.09
C ASP B 157 13.26 13.92 20.49
N ARG B 158 13.11 13.00 21.43
CA ARG B 158 14.24 12.32 22.02
C ARG B 158 13.85 10.87 22.33
N VAL B 159 14.70 9.94 21.93
CA VAL B 159 14.48 8.52 22.21
C VAL B 159 15.66 7.98 23.00
N GLU B 160 15.40 7.41 24.18
CA GLU B 160 16.45 6.79 24.97
C GLU B 160 16.15 5.31 25.10
N VAL B 161 17.11 4.48 24.74
CA VAL B 161 16.95 3.04 24.90
C VAL B 161 18.00 2.49 25.85
N TYR B 162 17.54 1.94 26.98
CA TYR B 162 18.43 1.32 27.95
C TYR B 162 18.25 -0.18 27.86
N SER B 163 19.35 -0.91 27.72
CA SER B 163 19.26 -2.37 27.66
C SER B 163 20.39 -3.05 28.40
N ARG B 164 20.09 -4.20 28.98
CA ARG B 164 21.11 -5.12 29.47
C ARG B 164 20.80 -6.55 29.02
N SER B 165 21.73 -7.17 28.30
CA SER B 165 21.51 -8.52 27.81
C SER B 165 21.29 -9.48 28.98
N ALA B 166 20.42 -10.48 28.77
CA ALA B 166 20.10 -11.46 29.81
C ALA B 166 21.23 -12.45 30.08
N ALA B 167 22.26 -12.44 29.25
CA ALA B 167 23.46 -13.21 29.54
C ALA B 167 24.07 -12.83 30.89
N PRO B 168 24.46 -13.83 31.69
CA PRO B 168 25.37 -13.60 32.80
C PRO B 168 26.52 -12.66 32.45
N GLY B 169 26.80 -11.71 33.32
CA GLY B 169 27.98 -10.87 33.19
C GLY B 169 27.78 -9.64 32.34
N SER B 170 26.56 -9.47 31.82
CA SER B 170 26.27 -8.35 30.92
C SER B 170 26.13 -7.02 31.65
N LEU B 171 26.76 -5.98 31.10
CA LEU B 171 26.61 -4.62 31.61
C LEU B 171 25.44 -3.90 30.94
N GLY B 172 24.93 -2.85 31.57
CA GLY B 172 23.89 -2.02 30.95
C GLY B 172 24.43 -0.91 30.07
N TYR B 173 23.69 -0.59 29.01
CA TYR B 173 24.02 0.51 28.12
C TYR B 173 22.79 1.36 27.83
N GLN B 174 23.04 2.61 27.41
CA GLN B 174 21.99 3.50 26.92
C GLN B 174 22.36 4.00 25.54
N TRP B 175 21.45 3.84 24.59
CA TRP B 175 21.55 4.46 23.27
C TRP B 175 20.60 5.66 23.22
N LEU B 176 21.08 6.76 22.67
CA LEU B 176 20.36 8.02 22.71
C LEU B 176 20.28 8.64 21.31
N SER B 177 19.07 9.04 20.93
CA SER B 177 18.90 10.00 19.83
C SER B 177 18.24 11.25 20.38
N ASP B 178 18.92 12.40 20.29
CA ASP B 178 18.39 13.63 20.87
C ASP B 178 17.77 14.55 19.82
N GLY B 179 17.62 14.06 18.59
CA GLY B 179 16.98 14.82 17.51
C GLY B 179 17.96 15.65 16.70
N SER B 180 19.22 15.65 17.11
CA SER B 180 20.31 16.19 16.28
C SER B 180 20.68 15.13 15.25
N GLY B 181 21.78 15.31 14.54
CA GLY B 181 22.16 14.30 13.55
C GLY B 181 22.88 13.10 14.13
N VAL B 182 23.10 13.10 15.44
CA VAL B 182 24.14 12.26 16.04
C VAL B 182 23.57 11.40 17.16
N PHE B 183 23.91 10.11 17.16
CA PHE B 183 23.52 9.21 18.25
C PHE B 183 24.67 8.98 19.21
N GLU B 184 24.34 8.60 20.45
CA GLU B 184 25.32 8.37 21.50
C GLU B 184 25.08 7.02 22.19
N ILE B 185 26.16 6.31 22.50
CA ILE B 185 26.06 5.09 23.31
C ILE B 185 26.93 5.23 24.56
N ALA B 186 26.39 4.82 25.70
CA ALA B 186 27.07 5.03 26.98
C ALA B 186 26.75 3.88 27.93
N GLU B 187 27.71 3.51 28.76
CA GLU B 187 27.40 2.56 29.82
C GLU B 187 26.41 3.21 30.76
N ALA B 188 25.46 2.39 31.23
CA ALA B 188 24.45 2.84 32.18
C ALA B 188 24.22 1.76 33.24
N SER B 189 24.77 1.97 34.42
CA SER B 189 24.55 1.03 35.52
C SER B 189 23.11 1.11 36.04
N GLY B 190 22.69 0.09 36.78
CA GLY B 190 21.35 0.07 37.35
C GLY B 190 20.25 -0.02 36.31
N VAL B 191 20.63 -0.08 35.04
CA VAL B 191 19.76 -0.68 34.02
C VAL B 191 19.50 -2.14 34.36
N ARG B 192 18.22 -2.51 34.43
CA ARG B 192 17.86 -3.89 34.73
C ARG B 192 17.87 -4.78 33.49
N THR B 193 18.08 -6.08 33.69
CA THR B 193 18.01 -7.01 32.59
C THR B 193 16.73 -6.81 31.76
N GLY B 194 16.89 -6.71 30.44
CA GLY B 194 15.76 -6.35 29.58
C GLY B 194 16.01 -5.05 28.84
N THR B 195 14.93 -4.35 28.49
CA THR B 195 15.05 -3.14 27.66
C THR B 195 14.01 -2.13 28.13
N LYS B 196 14.43 -0.87 28.28
CA LYS B 196 13.52 0.21 28.66
C LYS B 196 13.67 1.33 27.65
N ILE B 197 12.55 1.72 27.05
CA ILE B 197 12.55 2.79 26.04
C ILE B 197 11.81 4.00 26.62
N ILE B 198 12.46 5.15 26.57
CA ILE B 198 11.83 6.38 27.01
C ILE B 198 11.69 7.33 25.83
N ILE B 199 10.46 7.72 25.54
CA ILE B 199 10.17 8.62 24.43
C ILE B 199 9.74 10.00 24.94
N HIS B 200 10.53 11.01 24.62
CA HIS B 200 10.18 12.39 24.89
C HIS B 200 9.42 12.96 23.70
N LEU B 201 8.12 13.14 23.88
CA LEU B 201 7.20 13.31 22.76
C LEU B 201 7.33 14.66 22.09
N LYS B 202 7.06 14.68 20.78
CA LYS B 202 7.04 15.91 19.99
C LYS B 202 5.90 16.85 20.40
N SER B 203 6.00 18.11 19.97
CA SER B 203 5.08 19.16 20.41
C SER B 203 3.63 18.87 20.09
N ASP B 204 3.38 18.16 18.99
CA ASP B 204 2.01 17.79 18.61
C ASP B 204 1.67 16.34 18.98
N CYS B 205 2.39 15.77 19.94
CA CYS B 205 2.21 14.36 20.30
C CYS B 205 2.01 14.17 21.81
N LYS B 206 1.84 15.27 22.53
CA LYS B 206 1.91 15.22 23.99
C LYS B 206 0.76 14.42 24.60
N GLU B 207 -0.26 14.14 23.79
CA GLU B 207 -1.38 13.32 24.25
C GLU B 207 -0.96 11.91 24.66
N PHE B 208 0.18 11.44 24.15
CA PHE B 208 0.66 10.12 24.53
C PHE B 208 1.41 10.10 25.86
N SER B 209 1.43 11.23 26.54
CA SER B 209 1.91 11.28 27.92
C SER B 209 0.76 11.40 28.92
N SER B 210 -0.47 11.38 28.38
CA SER B 210 -1.68 11.35 29.19
C SER B 210 -2.14 9.91 29.43
N GLU B 211 -2.29 9.55 30.70
CA GLU B 211 -2.73 8.19 31.02
C GLU B 211 -4.05 7.84 30.34
N ALA B 212 -4.99 8.78 30.35
CA ALA B 212 -6.32 8.53 29.79
C ALA B 212 -6.24 8.08 28.33
N ARG B 213 -5.38 8.74 27.56
CA ARG B 213 -5.29 8.50 26.12
C ARG B 213 -4.52 7.20 25.82
N VAL B 214 -3.47 6.95 26.59
CA VAL B 214 -2.69 5.74 26.41
C VAL B 214 -3.50 4.53 26.87
N ARG B 215 -4.40 4.75 27.83
CA ARG B 215 -5.16 3.64 28.42
C ARG B 215 -6.00 2.91 27.38
N ASP B 216 -6.71 3.67 26.56
CA ASP B 216 -7.56 3.09 25.51
C ASP B 216 -6.75 2.30 24.49
N VAL B 217 -5.71 2.94 23.95
CA VAL B 217 -4.81 2.29 22.99
C VAL B 217 -4.31 0.98 23.60
N VAL B 218 -3.85 1.08 24.83
CA VAL B 218 -3.04 0.02 25.41
C VAL B 218 -3.95 -1.12 25.88
N THR B 219 -5.17 -0.77 26.28
CA THR B 219 -6.16 -1.79 26.62
C THR B 219 -6.51 -2.64 25.40
N LYS B 220 -6.76 -1.98 24.27
CA LYS B 220 -7.00 -2.69 23.03
C LYS B 220 -5.81 -3.58 22.65
N TYR B 221 -4.62 -2.99 22.56
CA TYR B 221 -3.51 -3.78 22.02
C TYR B 221 -2.99 -4.88 22.95
N SER B 222 -3.11 -4.67 24.26
CA SER B 222 -2.65 -5.69 25.22
C SER B 222 -3.43 -7.01 25.16
N ASN B 223 -4.52 -7.04 24.40
CA ASN B 223 -5.19 -8.31 24.06
C ASN B 223 -4.28 -9.24 23.28
N PHE B 224 -3.29 -8.67 22.59
CA PHE B 224 -2.54 -9.39 21.57
C PHE B 224 -1.18 -9.84 22.03
N VAL B 225 -0.89 -9.75 23.34
CA VAL B 225 0.40 -10.24 23.85
C VAL B 225 0.20 -11.32 24.90
N SER B 226 1.18 -12.21 25.01
CA SER B 226 1.03 -13.39 25.86
C SER B 226 1.52 -13.13 27.28
N PHE B 227 1.87 -11.88 27.58
CA PHE B 227 2.33 -11.53 28.92
C PHE B 227 1.41 -10.50 29.59
N PRO B 228 1.41 -10.47 30.92
CA PRO B 228 0.70 -9.41 31.64
C PRO B 228 1.26 -8.04 31.27
N LEU B 229 0.38 -7.09 30.97
CA LEU B 229 0.80 -5.74 30.65
C LEU B 229 0.23 -4.72 31.62
N TYR B 230 1.09 -3.83 32.10
CA TYR B 230 0.73 -2.84 33.08
C TYR B 230 0.96 -1.43 32.54
N LEU B 231 0.07 -0.51 32.90
CA LEU B 231 0.27 0.91 32.62
C LEU B 231 0.25 1.71 33.92
N ASN B 232 1.38 2.34 34.23
CA ASN B 232 1.56 3.00 35.52
C ASN B 232 1.19 2.11 36.71
N GLY B 233 1.55 0.84 36.62
CA GLY B 233 1.43 -0.06 37.76
C GLY B 233 0.13 -0.82 37.78
N ARG B 234 -0.74 -0.55 36.82
CA ARG B 234 -2.06 -1.15 36.77
C ARG B 234 -2.19 -2.13 35.61
N ARG B 235 -2.75 -3.30 35.90
CA ARG B 235 -2.88 -4.36 34.89
C ARG B 235 -3.92 -4.00 33.82
N MET B 236 -3.55 -4.15 32.55
CA MET B 236 -4.42 -3.69 31.47
C MET B 236 -5.09 -4.81 30.69
N ASN B 237 -4.50 -6.01 30.72
CA ASN B 237 -5.08 -7.17 30.05
C ASN B 237 -5.49 -8.29 31.01
N THR B 238 -6.36 -9.16 30.53
CA THR B 238 -6.85 -10.26 31.38
C THR B 238 -5.74 -11.25 31.70
#